data_3U6R
#
_entry.id   3U6R
#
_cell.length_a   105.485
_cell.length_b   105.744
_cell.length_c   105.595
_cell.angle_alpha   90.00
_cell.angle_beta   90.00
_cell.angle_gamma   90.00
#
_symmetry.space_group_name_H-M   'C 2 2 21'
#
loop_
_entity.id
_entity.type
_entity.pdbx_description
1 polymer 'Antibody 1:7 (Heavy chain)'
2 polymer 'Antibody 1:7 (Light chain)'
3 non-polymer 'SULFATE ION'
4 water water
#
loop_
_entity_poly.entity_id
_entity_poly.type
_entity_poly.pdbx_seq_one_letter_code
_entity_poly.pdbx_strand_id
1 'polypeptide(L)'
;AMEVQLLEQSGAEVKKPGSSVKVSCQVFGDTFSRYTIQWLRQAPGQGPEWMGNIIPVYNTPNYAQKFQGRLSITADDSTS
TAYMELSSLRSEDTAVYFCARVVIPNAIRHTMGYYFDYWGQGTLVTVSSGTGGSGGGGSGGGGSGGGAS
;
H,A
2 'polypeptide(L)'
;AELTQSPATLSLSPGERATLSCRASQSVNKYLAWYQQKPGQAPRLLIYDASNRATGIPARFSGSGSGTDFTLTISNLEPE
DFAVYYCQQRSDWVTFGGGTKVEIKAAADDDDKAGWSHPQFEKGGGSGGGSGGGSWSHPQFEK
;
L,B
#
# COMPACT_ATOMS: atom_id res chain seq x y z
N GLU A 3 2.05 17.66 14.80
CA GLU A 3 1.39 18.81 14.15
C GLU A 3 0.57 18.50 12.86
N VAL A 4 -0.14 17.34 12.80
CA VAL A 4 -0.94 16.81 11.67
C VAL A 4 -0.63 17.34 10.24
N GLN A 5 0.12 16.53 9.48
CA GLN A 5 0.48 16.85 8.10
C GLN A 5 0.07 15.69 7.16
N LEU A 6 0.36 15.84 5.87
CA LEU A 6 0.07 14.85 4.86
C LEU A 6 1.18 14.96 3.87
N LEU A 7 1.96 13.89 3.71
CA LEU A 7 3.09 13.94 2.79
C LEU A 7 2.77 13.15 1.52
N GLU A 8 2.73 13.83 0.39
CA GLU A 8 2.38 13.21 -0.88
C GLU A 8 3.60 13.19 -1.77
N GLN A 9 3.97 11.99 -2.21
CA GLN A 9 5.15 11.77 -3.04
C GLN A 9 4.83 11.62 -4.53
N SER A 10 5.88 11.80 -5.36
CA SER A 10 5.84 11.67 -6.80
C SER A 10 5.69 10.17 -7.20
N GLY A 11 5.27 9.90 -8.44
CA GLY A 11 5.04 8.55 -8.92
C GLY A 11 6.26 7.66 -9.02
N ALA A 12 6.01 6.34 -9.21
CA ALA A 12 7.03 5.30 -9.34
C ALA A 12 7.85 5.48 -10.59
N GLU A 13 9.15 5.28 -10.45
CA GLU A 13 10.07 5.43 -11.56
C GLU A 13 10.80 4.11 -11.84
N VAL A 14 11.08 3.88 -13.11
CA VAL A 14 11.85 2.74 -13.59
C VAL A 14 13.03 3.43 -14.19
N LYS A 15 14.24 3.08 -13.76
CA LYS A 15 15.42 3.79 -14.21
C LYS A 15 16.56 2.87 -14.63
N LYS A 16 17.37 3.32 -15.63
CA LYS A 16 18.52 2.56 -16.12
C LYS A 16 19.76 2.78 -15.24
N PRO A 17 20.59 1.74 -14.97
CA PRO A 17 21.78 1.97 -14.13
C PRO A 17 22.69 3.08 -14.62
N GLY A 18 23.25 3.84 -13.65
CA GLY A 18 24.12 4.97 -13.90
C GLY A 18 23.37 6.28 -14.07
N SER A 19 22.00 6.24 -14.08
CA SER A 19 21.21 7.46 -14.20
C SER A 19 20.87 8.10 -12.83
N SER A 20 19.96 9.07 -12.84
CA SER A 20 19.53 9.78 -11.63
C SER A 20 18.03 9.86 -11.53
N VAL A 21 17.51 9.85 -10.30
CA VAL A 21 16.07 9.96 -10.04
C VAL A 21 15.80 11.12 -9.05
N LYS A 22 14.76 11.92 -9.32
CA LYS A 22 14.35 13.01 -8.45
C LYS A 22 12.96 12.71 -7.88
N VAL A 23 12.87 12.42 -6.58
CA VAL A 23 11.61 12.14 -5.88
C VAL A 23 11.17 13.45 -5.22
N SER A 24 9.88 13.79 -5.29
CA SER A 24 9.38 14.98 -4.62
C SER A 24 8.46 14.64 -3.46
N CYS A 25 8.21 15.59 -2.57
CA CYS A 25 7.34 15.32 -1.43
C CYS A 25 6.59 16.55 -1.02
N GLN A 26 5.31 16.67 -1.40
CA GLN A 26 4.41 17.79 -1.07
C GLN A 26 3.86 17.59 0.35
N VAL A 27 4.11 18.56 1.21
CA VAL A 27 3.65 18.51 2.60
C VAL A 27 2.46 19.42 2.68
N PHE A 28 1.36 18.89 3.20
CA PHE A 28 0.11 19.65 3.32
C PHE A 28 -0.22 19.77 4.76
N GLY A 29 -0.94 20.82 5.07
CA GLY A 29 -1.40 21.06 6.42
C GLY A 29 -0.43 21.92 7.18
N ASP A 30 -0.59 21.91 8.52
CA ASP A 30 0.16 22.68 9.52
C ASP A 30 1.19 23.69 9.03
N THR A 31 2.44 23.48 9.44
CA THR A 31 3.51 24.38 9.05
C THR A 31 4.64 23.58 8.45
N PHE A 32 5.10 24.01 7.29
CA PHE A 32 6.22 23.36 6.65
C PHE A 32 7.51 23.74 7.35
N SER A 33 8.36 22.74 7.57
CA SER A 33 9.70 22.90 8.05
C SER A 33 10.59 21.97 7.28
N ARG A 34 11.58 22.56 6.61
CA ARG A 34 12.59 21.82 5.88
C ARG A 34 13.44 20.98 6.83
N TYR A 35 13.46 21.33 8.11
CA TYR A 35 14.26 20.65 9.12
C TYR A 35 13.58 19.43 9.72
N THR A 36 12.28 19.26 9.44
CA THR A 36 11.45 18.18 9.98
C THR A 36 11.24 17.08 8.98
N ILE A 37 11.22 17.40 7.68
CA ILE A 37 11.07 16.39 6.64
C ILE A 37 12.43 15.81 6.30
N GLN A 38 12.57 14.50 6.52
CA GLN A 38 13.79 13.71 6.27
C GLN A 38 13.51 12.61 5.30
N TRP A 39 14.57 12.04 4.66
CA TRP A 39 14.48 10.96 3.69
C TRP A 39 15.06 9.68 4.17
N LEU A 40 14.33 8.60 3.84
CA LEU A 40 14.65 7.21 4.16
C LEU A 40 14.31 6.35 2.96
N ARG A 41 14.77 5.10 2.96
CA ARG A 41 14.44 4.16 1.91
C ARG A 41 14.25 2.76 2.47
N GLN A 42 13.44 1.95 1.77
CA GLN A 42 13.21 0.60 2.21
C GLN A 42 13.44 -0.35 1.04
N ALA A 43 14.54 -1.11 1.10
CA ALA A 43 14.87 -2.11 0.06
C ALA A 43 13.90 -3.29 0.23
N PRO A 44 13.59 -4.08 -0.83
CA PRO A 44 12.64 -5.20 -0.66
C PRO A 44 13.18 -6.25 0.32
N GLY A 45 12.29 -6.70 1.20
CA GLY A 45 12.63 -7.65 2.25
C GLY A 45 13.42 -7.05 3.41
N GLN A 46 13.83 -5.77 3.28
CA GLN A 46 14.58 -5.05 4.29
C GLN A 46 13.73 -4.02 5.04
N GLY A 47 14.27 -3.55 6.16
CA GLY A 47 13.68 -2.49 6.96
C GLY A 47 14.11 -1.11 6.49
N PRO A 48 13.44 -0.04 6.95
CA PRO A 48 13.82 1.30 6.47
C PRO A 48 15.25 1.71 6.84
N GLU A 49 15.81 2.62 6.05
CA GLU A 49 17.18 3.12 6.18
C GLU A 49 17.19 4.63 5.94
N TRP A 50 17.72 5.38 6.92
CA TRP A 50 17.82 6.82 6.82
C TRP A 50 18.82 7.26 5.73
N MET A 51 18.43 8.22 4.90
CA MET A 51 19.27 8.71 3.82
C MET A 51 19.83 10.13 4.06
N GLY A 52 18.98 11.06 4.46
CA GLY A 52 19.41 12.42 4.70
C GLY A 52 18.32 13.34 5.23
N ASN A 53 18.70 14.63 5.40
CA ASN A 53 17.91 15.75 5.94
C ASN A 53 18.62 17.08 5.74
N ILE A 54 17.92 18.17 6.08
CA ILE A 54 18.49 19.51 6.08
C ILE A 54 18.57 19.87 7.56
N ILE A 55 19.80 20.06 8.05
CA ILE A 55 20.14 20.39 9.45
C ILE A 55 19.79 21.83 9.79
N PRO A 56 19.14 22.10 10.93
CA PRO A 56 18.87 23.50 11.28
C PRO A 56 20.19 24.20 11.71
N VAL A 57 20.11 25.52 11.89
CA VAL A 57 21.23 26.40 12.21
C VAL A 57 22.07 26.57 10.95
N TYR A 58 22.83 25.51 10.59
CA TYR A 58 23.67 25.51 9.40
C TYR A 58 22.84 25.64 8.14
N ASN A 59 21.57 25.18 8.18
CA ASN A 59 20.65 25.13 7.04
C ASN A 59 21.40 24.51 5.85
N THR A 60 21.88 23.30 6.08
CA THR A 60 22.64 22.59 5.05
C THR A 60 22.16 21.15 4.93
N PRO A 61 22.05 20.57 3.72
CA PRO A 61 21.65 19.16 3.61
C PRO A 61 22.76 18.25 4.10
N ASN A 62 22.39 17.18 4.78
CA ASN A 62 23.29 16.20 5.40
C ASN A 62 22.84 14.81 5.02
N TYR A 63 23.77 14.02 4.48
CA TYR A 63 23.48 12.69 3.95
C TYR A 63 24.24 11.60 4.65
N ALA A 64 23.62 10.42 4.74
CA ALA A 64 24.25 9.24 5.30
C ALA A 64 25.47 8.88 4.41
N GLN A 65 26.54 8.36 5.02
CA GLN A 65 27.80 8.00 4.35
C GLN A 65 27.58 7.27 3.01
N LYS A 66 26.71 6.23 3.00
CA LYS A 66 26.37 5.43 1.83
C LYS A 66 26.08 6.25 0.56
N PHE A 67 25.20 7.26 0.67
CA PHE A 67 24.74 8.12 -0.44
C PHE A 67 25.54 9.40 -0.64
N GLN A 68 26.51 9.67 0.26
CA GLN A 68 27.36 10.86 0.19
C GLN A 68 28.13 10.85 -1.11
N GLY A 69 27.98 11.92 -1.89
CA GLY A 69 28.61 12.07 -3.19
C GLY A 69 27.63 11.99 -4.34
N ARG A 70 26.50 11.29 -4.12
CA ARG A 70 25.47 11.08 -5.14
C ARG A 70 24.02 11.36 -4.71
N LEU A 71 23.82 11.90 -3.48
CA LEU A 71 22.52 12.31 -2.97
C LEU A 71 22.49 13.83 -2.86
N SER A 72 21.37 14.44 -3.26
CA SER A 72 21.14 15.88 -3.16
C SER A 72 19.70 16.10 -2.62
N ILE A 73 19.58 16.70 -1.43
CA ILE A 73 18.31 17.00 -0.74
C ILE A 73 18.10 18.51 -0.71
N THR A 74 16.93 18.97 -1.15
CA THR A 74 16.57 20.39 -1.14
C THR A 74 15.10 20.52 -0.68
N ALA A 75 14.64 21.74 -0.42
CA ALA A 75 13.26 22.00 -0.03
C ALA A 75 12.88 23.40 -0.47
N ASP A 76 11.63 23.58 -0.91
CA ASP A 76 11.11 24.83 -1.38
C ASP A 76 10.02 25.22 -0.43
N ASP A 77 10.36 26.10 0.52
CA ASP A 77 9.47 26.57 1.59
C ASP A 77 8.19 27.28 1.09
N SER A 78 8.25 27.85 -0.13
CA SER A 78 7.12 28.54 -0.74
C SER A 78 6.02 27.55 -1.13
N THR A 79 6.38 26.47 -1.89
CA THR A 79 5.47 25.38 -2.31
C THR A 79 5.33 24.27 -1.25
N SER A 80 6.01 24.39 -0.05
CA SER A 80 6.03 23.38 1.02
C SER A 80 6.31 21.97 0.49
N THR A 81 7.34 21.86 -0.39
CA THR A 81 7.75 20.63 -1.06
C THR A 81 9.22 20.32 -0.75
N ALA A 82 9.50 19.08 -0.35
CA ALA A 82 10.83 18.59 -0.10
C ALA A 82 11.21 17.72 -1.30
N TYR A 83 12.47 17.86 -1.76
CA TYR A 83 13.00 17.11 -2.91
C TYR A 83 14.18 16.28 -2.55
N MET A 84 14.31 15.16 -3.22
CA MET A 84 15.41 14.25 -3.07
C MET A 84 15.92 13.83 -4.47
N GLU A 85 17.25 13.71 -4.66
CA GLU A 85 17.82 13.29 -5.94
C GLU A 85 18.98 12.31 -5.77
N LEU A 86 18.78 11.04 -6.18
CA LEU A 86 19.79 10.00 -6.11
C LEU A 86 20.35 9.74 -7.50
N SER A 87 21.67 9.94 -7.63
CA SER A 87 22.47 9.83 -8.84
C SER A 87 23.37 8.58 -8.86
N SER A 88 23.89 8.24 -10.10
CA SER A 88 24.75 7.08 -10.39
C SER A 88 24.03 5.84 -9.85
N LEU A 89 22.74 5.69 -10.25
CA LEU A 89 21.87 4.61 -9.81
C LEU A 89 22.44 3.23 -10.05
N ARG A 90 22.46 2.43 -8.99
CA ARG A 90 22.94 1.05 -8.96
C ARG A 90 21.68 0.21 -8.84
N SER A 91 21.74 -1.06 -9.20
CA SER A 91 20.57 -1.94 -9.08
C SER A 91 20.17 -2.15 -7.60
N GLU A 92 21.15 -1.91 -6.67
CA GLU A 92 20.97 -1.99 -5.21
C GLU A 92 20.16 -0.79 -4.69
N ASP A 93 19.97 0.25 -5.53
CA ASP A 93 19.18 1.43 -5.21
C ASP A 93 17.70 1.14 -5.51
N THR A 94 17.37 -0.15 -5.74
CA THR A 94 15.97 -0.53 -5.92
C THR A 94 15.35 -0.54 -4.55
N ALA A 95 14.41 0.38 -4.33
CA ALA A 95 13.74 0.53 -3.06
C ALA A 95 12.56 1.46 -3.20
N VAL A 96 11.79 1.57 -2.11
CA VAL A 96 10.72 2.53 -1.97
C VAL A 96 11.37 3.64 -1.14
N TYR A 97 11.32 4.85 -1.70
CA TYR A 97 11.89 6.06 -1.11
C TYR A 97 10.81 6.81 -0.38
N PHE A 98 11.09 7.15 0.88
CA PHE A 98 10.16 7.80 1.77
C PHE A 98 10.67 9.13 2.27
N CYS A 99 9.77 10.12 2.36
CA CYS A 99 9.99 11.37 3.06
C CYS A 99 9.18 11.14 4.34
N ALA A 100 9.71 11.53 5.47
CA ALA A 100 9.03 11.34 6.73
C ALA A 100 9.27 12.55 7.59
N ARG A 101 8.32 12.87 8.47
CA ARG A 101 8.53 13.98 9.38
C ARG A 101 8.89 13.45 10.73
N VAL A 102 9.78 14.16 11.38
CA VAL A 102 10.31 13.79 12.68
C VAL A 102 9.36 14.09 13.85
N VAL A 103 9.65 13.44 14.96
CA VAL A 103 8.98 13.68 16.22
C VAL A 103 10.00 14.54 16.98
N ILE A 104 9.58 15.68 17.52
CA ILE A 104 10.53 16.51 18.27
C ILE A 104 10.80 15.91 19.67
N PRO A 105 12.09 15.58 19.96
CA PRO A 105 12.41 15.01 21.27
C PRO A 105 12.36 16.08 22.37
N ASN A 106 12.10 15.65 23.62
CA ASN A 106 12.05 16.53 24.78
C ASN A 106 13.48 17.07 25.01
N ALA A 107 14.46 16.28 24.60
CA ALA A 107 15.86 16.57 24.70
C ALA A 107 16.62 15.93 23.52
N ILE A 108 17.34 16.77 22.78
CA ILE A 108 18.22 16.34 21.70
C ILE A 108 19.66 16.43 22.28
N ARG A 109 20.37 15.29 22.27
CA ARG A 109 21.70 15.16 22.85
C ARG A 109 22.70 14.73 21.79
N HIS A 110 23.96 14.45 22.23
CA HIS A 110 25.07 13.99 21.39
C HIS A 110 24.71 12.71 20.65
N THR A 111 24.75 12.78 19.31
CA THR A 111 24.43 11.71 18.35
C THR A 111 23.02 11.07 18.48
N MET A 112 22.08 11.73 19.16
CA MET A 112 20.72 11.18 19.23
C MET A 112 19.98 11.61 17.99
N GLY A 113 19.02 10.78 17.59
CA GLY A 113 18.19 10.97 16.40
C GLY A 113 16.73 11.22 16.70
N TYR A 114 15.88 10.91 15.72
CA TYR A 114 14.44 11.12 15.88
C TYR A 114 13.64 9.88 15.56
N TYR A 115 12.38 9.89 15.98
CA TYR A 115 11.35 8.93 15.59
C TYR A 115 10.59 9.64 14.46
N PHE A 116 9.74 8.93 13.71
CA PHE A 116 9.04 9.53 12.58
C PHE A 116 7.59 9.27 12.70
N ASP A 117 6.79 10.30 12.78
CA ASP A 117 5.36 10.10 12.97
C ASP A 117 4.56 10.03 11.69
N TYR A 118 4.79 10.95 10.75
CA TYR A 118 4.15 10.98 9.46
C TYR A 118 5.16 10.63 8.40
N TRP A 119 4.70 9.90 7.42
CA TRP A 119 5.49 9.39 6.32
C TRP A 119 4.73 9.63 5.04
N GLY A 120 5.45 9.74 3.95
CA GLY A 120 4.82 9.85 2.63
C GLY A 120 4.45 8.45 2.21
N GLN A 121 3.65 8.32 1.17
CA GLN A 121 3.18 7.02 0.67
C GLN A 121 4.29 6.13 0.16
N GLY A 122 5.42 6.71 -0.18
CA GLY A 122 6.57 5.99 -0.69
C GLY A 122 6.61 6.09 -2.19
N THR A 123 7.80 5.96 -2.77
CA THR A 123 8.01 6.02 -4.20
C THR A 123 8.92 4.88 -4.57
N LEU A 124 8.37 3.92 -5.36
CA LEU A 124 9.17 2.80 -5.81
C LEU A 124 10.06 3.25 -6.96
N VAL A 125 11.36 3.10 -6.76
CA VAL A 125 12.36 3.36 -7.77
C VAL A 125 12.95 1.97 -8.08
N THR A 126 12.75 1.51 -9.33
CA THR A 126 13.19 0.20 -9.83
C THR A 126 14.36 0.43 -10.80
N VAL A 127 15.57 -0.07 -10.46
CA VAL A 127 16.77 0.08 -11.30
C VAL A 127 17.04 -1.17 -12.14
N SER A 128 17.16 -1.01 -13.48
CA SER A 128 17.42 -2.06 -14.48
C SER A 128 18.82 -2.68 -14.40
N ALA B 1 24.63 1.39 16.14
CA ALA B 1 23.79 0.53 16.99
C ALA B 1 22.84 -0.34 16.13
N GLU B 2 22.95 -1.67 16.26
CA GLU B 2 22.19 -2.59 15.43
C GLU B 2 21.02 -3.21 16.14
N LEU B 3 19.90 -3.36 15.41
CA LEU B 3 18.71 -3.97 15.97
C LEU B 3 18.37 -5.30 15.29
N THR B 4 18.18 -6.34 16.11
CA THR B 4 17.85 -7.69 15.65
C THR B 4 16.41 -7.96 16.09
N GLN B 5 15.55 -8.21 15.12
CA GLN B 5 14.15 -8.51 15.40
C GLN B 5 13.88 -9.99 15.29
N SER B 6 13.14 -10.50 16.27
CA SER B 6 12.78 -11.90 16.36
C SER B 6 11.35 -12.07 16.84
N PRO B 7 10.64 -13.06 16.28
CA PRO B 7 11.05 -13.96 15.18
C PRO B 7 10.95 -13.26 13.81
N ALA B 8 11.40 -13.91 12.72
CA ALA B 8 11.29 -13.34 11.39
C ALA B 8 9.84 -13.28 10.96
N THR B 9 9.09 -14.35 11.28
CA THR B 9 7.68 -14.52 10.99
C THR B 9 7.02 -15.07 12.25
N LEU B 10 5.83 -14.58 12.56
CA LEU B 10 5.07 -14.98 13.73
C LEU B 10 3.65 -15.22 13.26
N SER B 11 3.23 -16.51 13.12
CA SER B 11 1.90 -16.84 12.64
C SER B 11 0.96 -17.13 13.81
N LEU B 12 -0.13 -16.36 13.93
CA LEU B 12 -1.09 -16.51 15.03
C LEU B 12 -2.53 -16.45 14.55
N SER B 13 -3.48 -16.64 15.47
CA SER B 13 -4.93 -16.64 15.18
C SER B 13 -5.57 -15.43 15.82
N PRO B 14 -6.74 -14.94 15.37
CA PRO B 14 -7.30 -13.76 16.03
C PRO B 14 -7.62 -14.07 17.48
N GLY B 15 -7.36 -13.10 18.36
CA GLY B 15 -7.59 -13.23 19.79
C GLY B 15 -6.35 -13.59 20.56
N GLU B 16 -5.38 -14.20 19.88
CA GLU B 16 -4.09 -14.59 20.45
C GLU B 16 -3.20 -13.37 20.81
N ARG B 17 -2.11 -13.59 21.55
CA ARG B 17 -1.18 -12.54 21.95
C ARG B 17 0.11 -12.67 21.19
N ALA B 18 0.55 -11.55 20.55
CA ALA B 18 1.78 -11.51 19.80
C ALA B 18 2.88 -10.88 20.63
N THR B 19 4.02 -11.57 20.75
CA THR B 19 5.18 -11.11 21.49
C THR B 19 6.32 -11.04 20.50
N LEU B 20 6.70 -9.81 20.18
CA LEU B 20 7.75 -9.47 19.24
C LEU B 20 8.92 -8.99 20.03
N SER B 21 10.11 -9.43 19.64
CA SER B 21 11.33 -9.08 20.32
C SER B 21 12.24 -8.24 19.42
N CYS B 22 12.84 -7.19 19.99
CA CYS B 22 13.85 -6.33 19.35
C CYS B 22 15.06 -6.33 20.29
N ARG B 23 16.24 -6.65 19.77
CA ARG B 23 17.48 -6.68 20.57
C ARG B 23 18.53 -5.73 20.03
N ALA B 24 19.02 -4.86 20.90
CA ALA B 24 20.03 -3.87 20.49
C ALA B 24 21.46 -4.37 20.74
N SER B 25 22.37 -4.09 19.80
CA SER B 25 23.79 -4.50 19.86
C SER B 25 24.52 -3.82 21.05
N GLN B 26 24.15 -2.57 21.36
CA GLN B 26 24.65 -1.78 22.49
C GLN B 26 23.44 -1.19 23.20
N SER B 27 23.58 -0.70 24.43
CA SER B 27 22.40 -0.12 25.08
C SER B 27 21.91 1.17 24.38
N VAL B 28 20.57 1.27 24.25
CA VAL B 28 19.86 2.40 23.63
C VAL B 28 18.88 3.01 24.63
N ASN B 29 18.96 2.53 25.89
CA ASN B 29 18.19 2.96 27.04
C ASN B 29 16.70 2.73 26.79
N LYS B 30 15.87 3.77 26.68
CA LYS B 30 14.43 3.65 26.42
C LYS B 30 14.12 4.20 25.03
N TYR B 31 15.12 4.68 24.27
CA TYR B 31 14.97 5.32 22.97
C TYR B 31 14.67 4.36 21.84
N LEU B 32 13.51 3.73 21.96
CA LEU B 32 13.04 2.76 20.99
C LEU B 32 11.62 3.02 20.64
N ALA B 33 11.34 3.01 19.32
CA ALA B 33 10.02 3.10 18.68
C ALA B 33 9.71 1.82 17.92
N TRP B 34 8.41 1.51 17.81
CA TRP B 34 7.83 0.38 17.08
C TRP B 34 6.83 0.92 16.11
N TYR B 35 6.94 0.43 14.88
CA TYR B 35 6.08 0.79 13.76
C TYR B 35 5.35 -0.43 13.23
N GLN B 36 4.17 -0.20 12.66
CA GLN B 36 3.38 -1.20 11.94
C GLN B 36 3.44 -0.81 10.46
N GLN B 37 3.77 -1.76 9.57
CA GLN B 37 3.73 -1.52 8.15
C GLN B 37 2.82 -2.54 7.39
N LYS B 38 1.55 -2.15 7.11
CA LYS B 38 0.62 -2.96 6.30
C LYS B 38 1.19 -3.00 4.88
N PRO B 39 0.92 -4.03 4.04
CA PRO B 39 1.63 -4.10 2.74
C PRO B 39 1.34 -2.95 1.79
N GLY B 40 2.40 -2.48 1.12
CA GLY B 40 2.34 -1.36 0.20
C GLY B 40 2.10 0.01 0.83
N GLN B 41 1.93 0.06 2.17
CA GLN B 41 1.73 1.29 2.93
C GLN B 41 3.05 1.73 3.68
N ALA B 42 3.07 2.95 4.21
CA ALA B 42 4.25 3.47 4.90
C ALA B 42 4.18 3.04 6.36
N PRO B 43 5.32 3.03 7.13
CA PRO B 43 5.23 2.64 8.54
C PRO B 43 4.36 3.58 9.36
N ARG B 44 3.69 3.04 10.39
CA ARG B 44 2.84 3.79 11.27
C ARG B 44 3.46 3.62 12.66
N LEU B 45 3.81 4.75 13.31
CA LEU B 45 4.37 4.69 14.65
C LEU B 45 3.34 4.15 15.62
N LEU B 46 3.73 3.14 16.41
CA LEU B 46 2.84 2.57 17.41
C LEU B 46 3.29 2.96 18.79
N ILE B 47 4.57 2.74 19.06
CA ILE B 47 5.16 2.96 20.39
C ILE B 47 6.38 3.81 20.22
N TYR B 48 6.60 4.75 21.16
CA TYR B 48 7.79 5.59 21.21
C TYR B 48 8.29 5.52 22.63
N ASP B 49 9.62 5.70 22.84
CA ASP B 49 10.30 5.65 24.15
C ASP B 49 9.97 4.37 24.90
N ALA B 50 10.09 3.25 24.16
CA ALA B 50 9.88 1.88 24.60
C ALA B 50 8.46 1.44 24.99
N SER B 51 7.67 2.32 25.66
CA SER B 51 6.35 1.96 26.22
C SER B 51 5.21 2.93 25.99
N ASN B 52 5.48 4.11 25.43
CA ASN B 52 4.42 5.09 25.21
C ASN B 52 3.71 4.87 23.90
N ARG B 53 2.37 4.72 23.95
CA ARG B 53 1.54 4.56 22.74
C ARG B 53 1.46 5.89 21.97
N ALA B 54 1.52 5.83 20.65
CA ALA B 54 1.38 7.03 19.84
C ALA B 54 -0.16 7.37 19.73
N THR B 55 -0.51 8.59 19.26
CA THR B 55 -1.89 9.06 19.10
C THR B 55 -2.70 8.08 18.26
N GLY B 56 -3.90 7.76 18.74
CA GLY B 56 -4.85 6.89 18.06
C GLY B 56 -4.46 5.43 17.94
N ILE B 57 -3.61 4.95 18.86
CA ILE B 57 -3.16 3.55 18.88
C ILE B 57 -3.93 2.75 19.97
N PRO B 58 -4.61 1.65 19.57
CA PRO B 58 -5.36 0.84 20.55
C PRO B 58 -4.54 0.31 21.72
N ALA B 59 -5.18 0.11 22.88
CA ALA B 59 -4.54 -0.37 24.09
C ALA B 59 -3.90 -1.75 23.93
N ARG B 60 -4.44 -2.57 23.00
CA ARG B 60 -3.90 -3.90 22.69
C ARG B 60 -2.39 -3.90 22.28
N PHE B 61 -1.88 -2.73 21.85
CA PHE B 61 -0.49 -2.51 21.49
C PHE B 61 0.20 -1.93 22.69
N SER B 62 1.15 -2.69 23.24
CA SER B 62 1.92 -2.28 24.41
C SER B 62 3.41 -2.56 24.17
N GLY B 63 4.24 -1.60 24.54
CA GLY B 63 5.69 -1.71 24.44
C GLY B 63 6.33 -1.86 25.80
N SER B 64 7.48 -2.52 25.85
CA SER B 64 8.21 -2.80 27.09
C SER B 64 9.70 -3.00 26.81
N GLY B 65 10.52 -2.91 27.85
CA GLY B 65 11.96 -3.08 27.75
C GLY B 65 12.78 -1.83 27.91
N SER B 66 14.10 -2.03 28.12
CA SER B 66 15.13 -1.01 28.34
C SER B 66 16.47 -1.57 27.93
N GLY B 67 17.42 -0.66 27.78
CA GLY B 67 18.78 -0.98 27.37
C GLY B 67 18.88 -1.67 26.01
N THR B 68 18.87 -3.02 26.03
CA THR B 68 19.03 -3.86 24.83
C THR B 68 17.87 -4.84 24.58
N ASP B 69 17.02 -5.15 25.61
CA ASP B 69 15.91 -6.09 25.43
C ASP B 69 14.58 -5.40 25.42
N PHE B 70 13.94 -5.39 24.24
CA PHE B 70 12.64 -4.72 24.09
C PHE B 70 11.60 -5.64 23.52
N THR B 71 10.33 -5.42 23.88
CA THR B 71 9.20 -6.23 23.45
C THR B 71 7.99 -5.40 23.01
N LEU B 72 7.38 -5.80 21.90
CA LEU B 72 6.12 -5.25 21.43
C LEU B 72 5.13 -6.37 21.66
N THR B 73 4.07 -6.06 22.39
CA THR B 73 3.00 -7.00 22.66
C THR B 73 1.71 -6.54 21.95
N ILE B 74 1.15 -7.43 21.13
CA ILE B 74 -0.16 -7.18 20.51
C ILE B 74 -1.06 -8.21 21.17
N SER B 75 -1.68 -7.84 22.28
CA SER B 75 -2.60 -8.74 22.95
C SER B 75 -3.92 -8.69 22.19
N ASN B 76 -4.67 -9.83 22.13
CA ASN B 76 -5.97 -9.92 21.43
C ASN B 76 -5.88 -9.50 19.97
N LEU B 77 -5.08 -10.24 19.20
CA LEU B 77 -4.86 -10.03 17.77
C LEU B 77 -6.13 -9.92 16.99
N GLU B 78 -6.15 -8.97 16.05
CA GLU B 78 -7.26 -8.73 15.15
C GLU B 78 -6.79 -8.93 13.71
N PRO B 79 -7.64 -9.50 12.82
CA PRO B 79 -7.18 -9.77 11.44
C PRO B 79 -6.46 -8.62 10.74
N GLU B 80 -6.90 -7.37 10.99
CA GLU B 80 -6.29 -6.16 10.44
C GLU B 80 -4.84 -5.92 10.91
N ASP B 81 -4.40 -6.65 11.97
CA ASP B 81 -3.07 -6.52 12.58
C ASP B 81 -1.98 -7.18 11.80
N PHE B 82 -2.32 -7.91 10.73
CA PHE B 82 -1.30 -8.52 9.89
C PHE B 82 -0.53 -7.38 9.22
N ALA B 83 0.79 -7.35 9.49
CA ALA B 83 1.73 -6.36 8.98
C ALA B 83 3.12 -6.86 9.32
N VAL B 84 4.13 -6.16 8.81
CA VAL B 84 5.52 -6.37 9.18
C VAL B 84 5.76 -5.22 10.21
N TYR B 85 6.23 -5.55 11.43
CA TYR B 85 6.51 -4.60 12.52
C TYR B 85 7.97 -4.30 12.64
N TYR B 86 8.33 -3.02 12.74
CA TYR B 86 9.74 -2.62 12.83
C TYR B 86 10.05 -1.90 14.10
N CYS B 87 11.24 -2.13 14.64
CA CYS B 87 11.68 -1.37 15.80
C CYS B 87 12.70 -0.38 15.27
N GLN B 88 12.76 0.78 15.87
CA GLN B 88 13.71 1.79 15.47
C GLN B 88 14.20 2.43 16.76
N GLN B 89 15.49 2.65 16.79
CA GLN B 89 16.19 3.23 17.92
C GLN B 89 16.56 4.67 17.56
N ARG B 90 16.63 5.58 18.55
CA ARG B 90 17.03 6.96 18.26
C ARG B 90 18.21 7.44 19.08
N SER B 91 18.76 6.55 19.96
CA SER B 91 19.86 6.81 20.90
C SER B 91 21.19 7.17 20.23
N ASP B 92 21.59 6.38 19.23
CA ASP B 92 22.82 6.51 18.43
C ASP B 92 22.32 6.70 17.00
N TRP B 93 21.85 7.93 16.73
CA TRP B 93 21.21 8.33 15.48
C TRP B 93 20.01 7.40 15.12
N VAL B 94 19.78 7.09 13.83
CA VAL B 94 18.63 6.30 13.37
C VAL B 94 19.00 4.98 12.72
N THR B 95 18.46 3.89 13.30
CA THR B 95 18.52 2.52 12.77
C THR B 95 17.23 1.78 13.14
N PHE B 96 16.76 0.94 12.22
CA PHE B 96 15.58 0.06 12.28
C PHE B 96 16.00 -1.42 12.22
N GLY B 97 15.19 -2.29 12.79
CA GLY B 97 15.39 -3.73 12.73
C GLY B 97 14.95 -4.27 11.38
N GLY B 98 15.04 -5.59 11.22
CA GLY B 98 14.69 -6.24 9.95
C GLY B 98 13.23 -6.55 9.74
N GLY B 99 12.43 -6.37 10.78
CA GLY B 99 10.99 -6.65 10.73
C GLY B 99 10.62 -8.03 11.22
N THR B 100 9.38 -8.13 11.69
CA THR B 100 8.75 -9.38 12.10
C THR B 100 7.43 -9.37 11.33
N LYS B 101 7.23 -10.36 10.44
CA LYS B 101 5.98 -10.48 9.71
C LYS B 101 4.97 -11.20 10.63
N VAL B 102 3.85 -10.55 10.95
CA VAL B 102 2.81 -11.16 11.76
C VAL B 102 1.73 -11.63 10.80
N GLU B 103 1.56 -12.97 10.66
CA GLU B 103 0.54 -13.58 9.84
C GLU B 103 -0.63 -13.96 10.71
N ILE B 104 -1.86 -13.84 10.21
CA ILE B 104 -3.09 -14.21 10.94
C ILE B 104 -3.69 -15.46 10.22
N LYS B 105 -3.69 -16.61 10.92
CA LYS B 105 -4.13 -17.91 10.40
C LYS B 105 -5.47 -18.34 11.00
N MET C 2 -22.64 -10.21 2.87
CA MET C 2 -21.99 -8.98 2.46
C MET C 2 -21.53 -8.14 3.69
N GLU C 3 -21.66 -8.74 4.89
CA GLU C 3 -21.21 -8.16 6.14
C GLU C 3 -19.73 -7.87 5.95
N VAL C 4 -19.23 -6.69 6.37
CA VAL C 4 -17.81 -6.33 6.27
C VAL C 4 -16.89 -7.57 6.49
N GLN C 5 -15.93 -7.76 5.56
CA GLN C 5 -15.01 -8.89 5.56
C GLN C 5 -13.59 -8.39 5.36
N LEU C 6 -12.59 -9.17 5.81
CA LEU C 6 -11.19 -8.86 5.62
C LEU C 6 -10.53 -10.00 4.85
N LEU C 7 -9.86 -9.68 3.75
CA LEU C 7 -9.17 -10.69 2.93
C LEU C 7 -7.66 -10.54 3.08
N GLU C 8 -7.00 -11.56 3.59
CA GLU C 8 -5.57 -11.53 3.84
C GLU C 8 -4.88 -12.49 2.93
N GLN C 9 -3.93 -11.98 2.16
CA GLN C 9 -3.20 -12.76 1.17
C GLN C 9 -1.82 -13.22 1.64
N SER C 10 -1.28 -14.22 0.93
CA SER C 10 0.05 -14.80 1.16
C SER C 10 1.15 -13.79 0.71
N GLY C 11 2.38 -13.98 1.18
CA GLY C 11 3.49 -13.10 0.87
C GLY C 11 3.94 -13.07 -0.59
N ALA C 12 4.78 -12.08 -0.91
CA ALA C 12 5.33 -11.84 -2.25
C ALA C 12 6.25 -12.96 -2.67
N GLU C 13 6.12 -13.36 -3.93
CA GLU C 13 6.93 -14.43 -4.48
C GLU C 13 7.77 -13.92 -5.65
N VAL C 14 8.96 -14.49 -5.77
CA VAL C 14 9.89 -14.23 -6.85
C VAL C 14 9.97 -15.58 -7.51
N LYS C 15 9.67 -15.66 -8.81
CA LYS C 15 9.58 -16.96 -9.46
C LYS C 15 10.31 -17.01 -10.81
N LYS C 16 10.87 -18.19 -11.14
CA LYS C 16 11.57 -18.42 -12.41
C LYS C 16 10.61 -18.72 -13.55
N PRO C 17 10.84 -18.20 -14.78
CA PRO C 17 9.90 -18.50 -15.89
C PRO C 17 9.68 -19.99 -16.13
N GLY C 18 8.42 -20.34 -16.44
CA GLY C 18 7.99 -21.71 -16.68
C GLY C 18 7.51 -22.42 -15.41
N SER C 19 7.68 -21.78 -14.23
CA SER C 19 7.22 -22.37 -12.98
C SER C 19 5.75 -22.01 -12.63
N SER C 20 5.34 -22.33 -11.40
CA SER C 20 3.99 -22.07 -10.93
C SER C 20 3.99 -21.39 -9.57
N VAL C 21 2.99 -20.54 -9.33
CA VAL C 21 2.83 -19.83 -8.07
C VAL C 21 1.44 -20.09 -7.49
N LYS C 22 1.36 -20.35 -6.17
CA LYS C 22 0.10 -20.55 -5.47
C LYS C 22 -0.13 -19.41 -4.48
N VAL C 23 -1.10 -18.53 -4.75
CA VAL C 23 -1.44 -17.40 -3.88
C VAL C 23 -2.63 -17.86 -3.03
N SER C 24 -2.61 -17.54 -1.73
CA SER C 24 -3.76 -17.88 -0.87
C SER C 24 -4.51 -16.63 -0.41
N CYS C 25 -5.73 -16.81 0.07
CA CYS C 25 -6.50 -15.67 0.53
C CYS C 25 -7.41 -16.08 1.67
N GLN C 26 -6.96 -15.85 2.89
CA GLN C 26 -7.72 -16.15 4.09
C GLN C 26 -8.78 -15.03 4.29
N VAL C 27 -10.02 -15.42 4.55
CA VAL C 27 -11.16 -14.51 4.70
C VAL C 27 -11.65 -14.53 6.13
N PHE C 28 -11.76 -13.32 6.72
CA PHE C 28 -12.27 -13.11 8.08
C PHE C 28 -13.54 -12.38 7.95
N GLY C 29 -14.58 -13.04 8.39
CA GLY C 29 -15.95 -12.57 8.40
C GLY C 29 -16.82 -13.64 9.02
N ASP C 30 -18.13 -13.37 9.11
CA ASP C 30 -19.06 -14.31 9.71
C ASP C 30 -19.45 -15.40 8.71
N THR C 31 -19.68 -14.99 7.41
CA THR C 31 -20.15 -15.86 6.29
C THR C 31 -19.19 -16.02 5.10
N PHE C 32 -18.42 -17.11 5.08
CA PHE C 32 -17.57 -17.37 3.93
C PHE C 32 -18.33 -18.05 2.78
N SER C 33 -18.13 -17.55 1.53
CA SER C 33 -18.65 -18.16 0.32
C SER C 33 -17.63 -18.16 -0.79
N ARG C 34 -17.32 -19.35 -1.32
CA ARG C 34 -16.40 -19.58 -2.43
C ARG C 34 -16.87 -18.86 -3.71
N TYR C 35 -18.15 -18.53 -3.77
CA TYR C 35 -18.76 -17.87 -4.92
C TYR C 35 -18.61 -16.38 -4.93
N THR C 36 -18.16 -15.80 -3.78
CA THR C 36 -18.02 -14.36 -3.59
C THR C 36 -16.61 -13.89 -3.77
N ILE C 37 -15.63 -14.79 -3.60
CA ILE C 37 -14.21 -14.49 -3.79
C ILE C 37 -13.78 -14.72 -5.23
N GLN C 38 -13.30 -13.65 -5.86
CA GLN C 38 -12.82 -13.67 -7.24
C GLN C 38 -11.37 -13.20 -7.33
N TRP C 39 -10.68 -13.64 -8.39
CA TRP C 39 -9.30 -13.28 -8.60
C TRP C 39 -9.11 -12.34 -9.77
N LEU C 40 -8.22 -11.37 -9.54
CA LEU C 40 -7.83 -10.33 -10.49
C LEU C 40 -6.33 -10.09 -10.35
N ARG C 41 -5.74 -9.38 -11.29
CA ARG C 41 -4.33 -9.01 -11.24
C ARG C 41 -4.10 -7.61 -11.78
N GLN C 42 -3.05 -6.95 -11.30
CA GLN C 42 -2.74 -5.61 -11.75
C GLN C 42 -1.27 -5.55 -12.15
N ALA C 43 -1.02 -5.45 -13.48
CA ALA C 43 0.34 -5.33 -14.01
C ALA C 43 0.84 -3.92 -13.69
N PRO C 44 2.19 -3.69 -13.59
CA PRO C 44 2.67 -2.34 -13.26
C PRO C 44 2.27 -1.32 -14.33
N GLY C 45 1.78 -0.17 -13.86
CA GLY C 45 1.30 0.91 -14.73
C GLY C 45 -0.04 0.66 -15.37
N GLN C 46 -0.56 -0.56 -15.23
CA GLN C 46 -1.84 -0.97 -15.79
C GLN C 46 -2.98 -1.02 -14.76
N GLY C 47 -4.22 -1.13 -15.26
CA GLY C 47 -5.42 -1.29 -14.45
C GLY C 47 -5.68 -2.75 -14.11
N PRO C 48 -6.58 -3.04 -13.13
CA PRO C 48 -6.84 -4.44 -12.77
C PRO C 48 -7.44 -5.27 -13.91
N GLU C 49 -7.24 -6.57 -13.84
CA GLU C 49 -7.67 -7.51 -14.85
C GLU C 49 -8.22 -8.76 -14.19
N TRP C 50 -9.47 -9.11 -14.50
CA TRP C 50 -10.15 -10.23 -13.92
C TRP C 50 -9.55 -11.51 -14.42
N MET C 51 -9.32 -12.46 -13.50
CA MET C 51 -8.72 -13.75 -13.83
C MET C 51 -9.69 -14.90 -13.76
N GLY C 52 -10.44 -15.01 -12.67
CA GLY C 52 -11.37 -16.09 -12.46
C GLY C 52 -12.19 -16.03 -11.19
N ASN C 53 -13.02 -17.08 -11.00
CA ASN C 53 -13.98 -17.29 -9.91
C ASN C 53 -14.55 -18.70 -9.90
N ILE C 54 -15.31 -19.03 -8.87
CA ILE C 54 -16.01 -20.29 -8.79
C ILE C 54 -17.49 -19.87 -8.92
N ILE C 55 -18.14 -20.28 -10.00
CA ILE C 55 -19.54 -20.00 -10.33
C ILE C 55 -20.52 -20.79 -9.45
N PRO C 56 -21.55 -20.16 -8.87
CA PRO C 56 -22.51 -20.95 -8.09
C PRO C 56 -23.39 -21.81 -9.02
N VAL C 57 -24.19 -22.71 -8.42
CA VAL C 57 -25.05 -23.68 -9.10
C VAL C 57 -24.14 -24.77 -9.67
N TYR C 58 -23.39 -24.44 -10.75
CA TYR C 58 -22.46 -25.37 -11.36
C TYR C 58 -21.34 -25.77 -10.40
N ASN C 59 -21.03 -24.89 -9.43
CA ASN C 59 -19.90 -25.03 -8.50
C ASN C 59 -18.67 -25.46 -9.29
N THR C 60 -18.29 -24.62 -10.25
CA THR C 60 -17.15 -24.90 -11.10
C THR C 60 -16.27 -23.69 -11.21
N PRO C 61 -14.91 -23.83 -11.15
CA PRO C 61 -14.06 -22.64 -11.36
C PRO C 61 -14.14 -22.23 -12.84
N ASN C 62 -14.16 -20.93 -13.09
CA ASN C 62 -14.27 -20.32 -14.41
C ASN C 62 -13.18 -19.26 -14.54
N TYR C 63 -12.40 -19.35 -15.61
CA TYR C 63 -11.25 -18.49 -15.84
C TYR C 63 -11.36 -17.70 -17.12
N ALA C 64 -10.77 -16.50 -17.12
CA ALA C 64 -10.68 -15.63 -18.27
C ALA C 64 -9.83 -16.35 -19.33
N GLN C 65 -10.18 -16.14 -20.62
CA GLN C 65 -9.51 -16.78 -21.76
C GLN C 65 -7.99 -16.82 -21.68
N LYS C 66 -7.38 -15.67 -21.37
CA LYS C 66 -5.94 -15.48 -21.21
C LYS C 66 -5.24 -16.58 -20.35
N PHE C 67 -5.79 -16.88 -19.16
CA PHE C 67 -5.24 -17.83 -18.18
C PHE C 67 -5.79 -19.23 -18.29
N GLN C 68 -6.78 -19.45 -19.19
CA GLN C 68 -7.40 -20.75 -19.40
C GLN C 68 -6.34 -21.74 -19.87
N GLY C 69 -6.20 -22.83 -19.11
CA GLY C 69 -5.22 -23.87 -19.38
C GLY C 69 -4.09 -23.90 -18.39
N ARG C 70 -3.84 -22.77 -17.70
CA ARG C 70 -2.76 -22.63 -16.71
C ARG C 70 -3.15 -21.98 -15.38
N LEU C 71 -4.45 -21.67 -15.19
CA LEU C 71 -4.99 -21.11 -13.95
C LEU C 71 -5.86 -22.16 -13.27
N SER C 72 -5.71 -22.31 -11.95
CA SER C 72 -6.51 -23.24 -11.14
C SER C 72 -6.96 -22.48 -9.88
N ILE C 73 -8.28 -22.32 -9.71
CA ILE C 73 -8.91 -21.62 -8.56
C ILE C 73 -9.68 -22.62 -7.73
N THR C 74 -9.41 -22.63 -6.44
CA THR C 74 -10.06 -23.55 -5.47
C THR C 74 -10.38 -22.76 -4.20
N ALA C 75 -11.16 -23.35 -3.30
CA ALA C 75 -11.49 -22.76 -2.01
C ALA C 75 -11.77 -23.86 -0.99
N ASP C 76 -11.37 -23.62 0.25
CA ASP C 76 -11.53 -24.56 1.34
C ASP C 76 -12.45 -23.92 2.32
N ASP C 77 -13.75 -24.27 2.25
CA ASP C 77 -14.82 -23.73 3.06
C ASP C 77 -14.63 -23.91 4.57
N SER C 78 -13.87 -24.95 4.98
CA SER C 78 -13.60 -25.25 6.38
C SER C 78 -12.67 -24.21 7.00
N THR C 79 -11.51 -23.91 6.33
CA THR C 79 -10.53 -22.88 6.77
C THR C 79 -10.89 -21.48 6.25
N SER C 80 -12.02 -21.30 5.50
CA SER C 80 -12.45 -20.04 4.87
C SER C 80 -11.30 -19.37 4.09
N THR C 81 -10.60 -20.16 3.27
CA THR C 81 -9.46 -19.71 2.47
C THR C 81 -9.71 -20.00 0.98
N ALA C 82 -9.47 -18.99 0.12
CA ALA C 82 -9.56 -19.10 -1.32
C ALA C 82 -8.12 -19.20 -1.86
N TYR C 83 -7.90 -20.09 -2.84
CA TYR C 83 -6.59 -20.32 -3.44
C TYR C 83 -6.59 -20.08 -4.92
N MET C 84 -5.47 -19.62 -5.39
CA MET C 84 -5.24 -19.38 -6.80
C MET C 84 -3.87 -19.97 -7.19
N GLU C 85 -3.77 -20.57 -8.38
CA GLU C 85 -2.51 -21.13 -8.85
C GLU C 85 -2.28 -20.87 -10.33
N LEU C 86 -1.26 -20.03 -10.64
CA LEU C 86 -0.89 -19.67 -12.00
C LEU C 86 0.39 -20.42 -12.37
N SER C 87 0.29 -21.23 -13.43
CA SER C 87 1.32 -22.12 -13.98
C SER C 87 1.90 -21.61 -15.30
N SER C 88 3.08 -22.18 -15.71
CA SER C 88 3.83 -21.86 -16.91
C SER C 88 4.07 -20.35 -16.91
N LEU C 89 4.61 -19.85 -15.77
CA LEU C 89 4.85 -18.42 -15.56
C LEU C 89 5.72 -17.77 -16.64
N ARG C 90 5.21 -16.67 -17.17
CA ARG C 90 5.84 -15.85 -18.19
C ARG C 90 6.28 -14.59 -17.48
N SER C 91 7.24 -13.84 -18.02
CA SER C 91 7.68 -12.60 -17.39
C SER C 91 6.54 -11.54 -17.39
N GLU C 92 5.56 -11.72 -18.30
CA GLU C 92 4.36 -10.87 -18.44
C GLU C 92 3.37 -11.13 -17.29
N ASP C 93 3.59 -12.22 -16.50
CA ASP C 93 2.79 -12.58 -15.33
C ASP C 93 3.30 -11.79 -14.12
N THR C 94 4.17 -10.80 -14.36
CA THR C 94 4.63 -9.95 -13.27
C THR C 94 3.50 -8.97 -12.96
N ALA C 95 2.93 -9.12 -11.78
CA ALA C 95 1.80 -8.31 -11.33
C ALA C 95 1.55 -8.55 -9.85
N VAL C 96 0.62 -7.76 -9.32
CA VAL C 96 0.09 -7.92 -7.98
C VAL C 96 -1.23 -8.64 -8.22
N TYR C 97 -1.36 -9.81 -7.56
CA TYR C 97 -2.51 -10.69 -7.63
C TYR C 97 -3.44 -10.39 -6.47
N PHE C 98 -4.72 -10.16 -6.79
CA PHE C 98 -5.74 -9.81 -5.84
C PHE C 98 -6.89 -10.81 -5.80
N CYS C 99 -7.40 -11.10 -4.58
CA CYS C 99 -8.63 -11.80 -4.34
C CYS C 99 -9.58 -10.66 -3.94
N ALA C 100 -10.82 -10.71 -4.44
CA ALA C 100 -11.79 -9.70 -4.11
C ALA C 100 -13.14 -10.31 -3.92
N ARG C 101 -13.89 -9.74 -2.95
CA ARG C 101 -15.23 -10.16 -2.66
C ARG C 101 -16.11 -9.31 -3.52
N VAL C 102 -17.11 -9.92 -4.11
CA VAL C 102 -18.03 -9.24 -5.01
C VAL C 102 -19.17 -8.57 -4.30
N VAL C 103 -19.73 -7.58 -4.95
CA VAL C 103 -20.93 -6.90 -4.52
C VAL C 103 -22.03 -7.85 -5.01
N ILE C 104 -22.70 -8.50 -4.07
CA ILE C 104 -23.74 -9.51 -4.34
C ILE C 104 -25.08 -8.93 -4.83
N PRO C 105 -25.83 -9.72 -5.65
CA PRO C 105 -27.19 -9.28 -6.07
C PRO C 105 -28.15 -9.29 -4.88
N ASN C 106 -29.29 -8.56 -4.93
CA ASN C 106 -30.27 -8.57 -3.84
C ASN C 106 -31.19 -9.81 -3.88
N ALA C 107 -31.22 -10.47 -5.05
CA ALA C 107 -31.94 -11.72 -5.30
C ALA C 107 -31.03 -12.64 -6.17
N ILE C 108 -31.53 -13.11 -7.33
CA ILE C 108 -30.77 -13.99 -8.22
C ILE C 108 -30.16 -13.20 -9.38
N ARG C 109 -28.84 -13.38 -9.62
CA ARG C 109 -28.07 -12.75 -10.68
C ARG C 109 -28.07 -13.64 -11.94
N HIS C 110 -28.51 -13.05 -13.04
CA HIS C 110 -28.65 -13.65 -14.38
C HIS C 110 -27.35 -13.48 -15.22
N THR C 111 -26.40 -12.64 -14.74
CA THR C 111 -25.11 -12.35 -15.39
C THR C 111 -23.87 -12.84 -14.61
N MET C 112 -22.66 -12.66 -15.21
CA MET C 112 -21.36 -13.08 -14.65
C MET C 112 -20.42 -11.96 -14.15
N GLY C 113 -20.78 -10.70 -14.45
CA GLY C 113 -20.04 -9.51 -14.05
C GLY C 113 -20.45 -8.97 -12.69
N TYR C 114 -19.46 -8.63 -11.88
CA TYR C 114 -19.62 -8.12 -10.53
C TYR C 114 -18.76 -6.90 -10.29
N TYR C 115 -19.13 -6.12 -9.26
CA TYR C 115 -18.36 -5.04 -8.69
C TYR C 115 -17.67 -5.70 -7.49
N PHE C 116 -16.59 -5.11 -6.98
CA PHE C 116 -15.83 -5.72 -5.90
C PHE C 116 -15.77 -4.74 -4.80
N ASP C 117 -16.31 -5.09 -3.63
CA ASP C 117 -16.37 -4.15 -2.52
C ASP C 117 -15.23 -4.33 -1.52
N TYR C 118 -14.74 -5.54 -1.32
CA TYR C 118 -13.58 -5.82 -0.46
C TYR C 118 -12.54 -6.52 -1.31
N TRP C 119 -11.27 -6.17 -1.08
CA TRP C 119 -10.14 -6.68 -1.80
C TRP C 119 -9.10 -7.13 -0.79
N GLY C 120 -8.25 -8.06 -1.19
CA GLY C 120 -7.13 -8.47 -0.38
C GLY C 120 -6.03 -7.44 -0.61
N GLN C 121 -4.99 -7.48 0.23
CA GLN C 121 -3.90 -6.51 0.15
C GLN C 121 -3.09 -6.59 -1.14
N GLY C 122 -3.17 -7.73 -1.81
CA GLY C 122 -2.45 -7.99 -3.04
C GLY C 122 -1.22 -8.80 -2.75
N THR C 123 -0.72 -9.51 -3.76
CA THR C 123 0.48 -10.34 -3.66
C THR C 123 1.29 -10.10 -4.91
N LEU C 124 2.49 -9.50 -4.71
CA LEU C 124 3.39 -9.26 -5.81
C LEU C 124 4.08 -10.55 -6.22
N VAL C 125 3.87 -10.95 -7.46
CA VAL C 125 4.53 -12.10 -8.06
C VAL C 125 5.45 -11.48 -9.12
N THR C 126 6.78 -11.67 -8.93
CA THR C 126 7.84 -11.15 -9.80
C THR C 126 8.46 -12.32 -10.57
N VAL C 127 8.29 -12.34 -11.91
CA VAL C 127 8.84 -13.42 -12.77
C VAL C 127 10.20 -13.00 -13.42
N SER C 128 11.24 -13.85 -13.23
CA SER C 128 12.61 -13.67 -13.74
C SER C 128 12.74 -13.81 -15.26
N ALA D 1 -15.84 -5.66 -23.98
CA ALA D 1 -16.14 -4.22 -23.81
C ALA D 1 -14.93 -3.46 -23.23
N GLU D 2 -14.43 -2.44 -23.94
CA GLU D 2 -13.24 -1.70 -23.55
C GLU D 2 -13.53 -0.36 -22.93
N LEU D 3 -12.76 0.00 -21.89
CA LEU D 3 -12.92 1.29 -21.23
C LEU D 3 -11.70 2.18 -21.42
N THR D 4 -11.94 3.43 -21.86
CA THR D 4 -10.90 4.43 -22.08
C THR D 4 -11.09 5.53 -21.06
N GLN D 5 -10.05 5.73 -20.22
CA GLN D 5 -10.08 6.74 -19.18
C GLN D 5 -9.29 7.97 -19.57
N SER D 6 -9.88 9.13 -19.30
CA SER D 6 -9.29 10.42 -19.61
C SER D 6 -9.55 11.45 -18.51
N PRO D 7 -8.57 12.31 -18.21
CA PRO D 7 -7.19 12.34 -18.75
C PRO D 7 -6.30 11.26 -18.12
N ALA D 8 -5.06 11.10 -18.58
CA ALA D 8 -4.15 10.12 -18.01
C ALA D 8 -3.72 10.58 -16.60
N THR D 9 -3.47 11.89 -16.48
CA THR D 9 -3.08 12.56 -15.25
C THR D 9 -3.90 13.85 -15.14
N LEU D 10 -4.33 14.19 -13.93
CA LEU D 10 -5.11 15.37 -13.66
C LEU D 10 -4.53 16.00 -12.40
N SER D 11 -3.80 17.11 -12.55
CA SER D 11 -3.16 17.78 -11.41
C SER D 11 -3.99 18.97 -10.93
N LEU D 12 -4.39 18.95 -9.65
CA LEU D 12 -5.24 20.02 -9.09
C LEU D 12 -4.79 20.42 -7.69
N SER D 13 -5.44 21.44 -7.09
CA SER D 13 -5.13 21.97 -5.77
C SER D 13 -6.24 21.63 -4.80
N PRO D 14 -6.01 21.58 -3.45
CA PRO D 14 -7.13 21.25 -2.56
C PRO D 14 -8.25 22.27 -2.69
N GLY D 15 -9.49 21.79 -2.67
CA GLY D 15 -10.69 22.60 -2.80
C GLY D 15 -11.26 22.63 -4.20
N GLU D 16 -10.41 22.34 -5.19
CA GLU D 16 -10.78 22.29 -6.60
C GLU D 16 -11.72 21.09 -6.95
N ARG D 17 -12.30 21.06 -8.16
CA ARG D 17 -13.20 19.98 -8.58
C ARG D 17 -12.53 19.13 -9.65
N ALA D 18 -12.53 17.79 -9.46
CA ALA D 18 -11.94 16.85 -10.40
C ALA D 18 -13.02 16.21 -11.25
N THR D 19 -12.85 16.27 -12.58
CA THR D 19 -13.77 15.68 -13.55
C THR D 19 -13.00 14.63 -14.32
N LEU D 20 -13.33 13.37 -14.09
CA LEU D 20 -12.72 12.20 -14.69
C LEU D 20 -13.70 11.61 -15.65
N SER D 21 -13.21 11.20 -16.82
CA SER D 21 -14.04 10.64 -17.87
C SER D 21 -13.68 9.19 -18.12
N CYS D 22 -14.71 8.33 -18.32
CA CYS D 22 -14.59 6.92 -18.71
C CYS D 22 -15.49 6.74 -19.93
N ARG D 23 -14.94 6.17 -21.00
CA ARG D 23 -15.69 5.92 -22.24
C ARG D 23 -15.71 4.44 -22.63
N ALA D 24 -16.91 3.88 -22.82
CA ALA D 24 -17.05 2.47 -23.19
C ALA D 24 -17.12 2.25 -24.70
N SER D 25 -16.44 1.19 -25.19
CA SER D 25 -16.40 0.82 -26.62
C SER D 25 -17.79 0.44 -27.16
N GLN D 26 -18.63 -0.20 -26.32
CA GLN D 26 -20.01 -0.58 -26.61
C GLN D 26 -20.84 -0.12 -25.43
N SER D 27 -22.18 -0.07 -25.55
CA SER D 27 -22.98 0.35 -24.40
C SER D 27 -22.91 -0.68 -23.25
N VAL D 28 -22.78 -0.17 -22.02
CA VAL D 28 -22.70 -0.96 -20.77
C VAL D 28 -23.84 -0.54 -19.82
N ASN D 29 -24.74 0.31 -20.35
CA ASN D 29 -25.91 0.86 -19.67
C ASN D 29 -25.50 1.67 -18.43
N LYS D 30 -25.85 1.22 -17.22
CA LYS D 30 -25.49 1.92 -15.98
C LYS D 30 -24.49 1.05 -15.21
N TYR D 31 -24.19 -0.13 -15.77
CA TYR D 31 -23.29 -1.14 -15.22
C TYR D 31 -21.81 -0.74 -15.22
N LEU D 32 -21.53 0.43 -14.65
CA LEU D 32 -20.19 0.99 -14.43
C LEU D 32 -19.94 1.31 -12.94
N ALA D 33 -18.69 1.06 -12.49
CA ALA D 33 -18.19 1.35 -11.14
C ALA D 33 -16.94 2.20 -11.23
N TRP D 34 -16.64 2.88 -10.15
CA TRP D 34 -15.44 3.70 -9.99
C TRP D 34 -14.78 3.34 -8.70
N TYR D 35 -13.46 3.14 -8.78
CA TYR D 35 -12.62 2.80 -7.64
C TYR D 35 -11.54 3.84 -7.45
N GLN D 36 -11.07 3.99 -6.21
CA GLN D 36 -9.92 4.80 -5.83
C GLN D 36 -8.81 3.84 -5.43
N GLN D 37 -7.60 4.01 -5.99
CA GLN D 37 -6.45 3.21 -5.59
C GLN D 37 -5.25 4.09 -5.10
N LYS D 38 -5.12 4.25 -3.75
CA LYS D 38 -3.98 4.95 -3.14
C LYS D 38 -2.74 4.07 -3.38
N PRO D 39 -1.50 4.61 -3.45
CA PRO D 39 -0.37 3.74 -3.86
C PRO D 39 -0.05 2.60 -2.91
N GLY D 40 0.26 1.45 -3.51
CA GLY D 40 0.53 0.20 -2.81
C GLY D 40 -0.67 -0.46 -2.14
N GLN D 41 -1.84 0.18 -2.20
CA GLN D 41 -3.07 -0.33 -1.61
C GLN D 41 -4.01 -0.97 -2.70
N ALA D 42 -5.05 -1.68 -2.27
CA ALA D 42 -5.96 -2.31 -3.18
C ALA D 42 -7.03 -1.26 -3.58
N PRO D 43 -7.76 -1.45 -4.73
CA PRO D 43 -8.81 -0.48 -5.08
C PRO D 43 -9.94 -0.40 -4.06
N ARG D 44 -10.55 0.76 -3.94
CA ARG D 44 -11.66 1.00 -3.01
C ARG D 44 -12.84 1.43 -3.87
N LEU D 45 -13.95 0.70 -3.81
CA LEU D 45 -15.14 1.04 -4.55
C LEU D 45 -15.68 2.38 -4.11
N LEU D 46 -15.94 3.29 -5.05
CA LEU D 46 -16.50 4.60 -4.72
C LEU D 46 -17.93 4.68 -5.20
N ILE D 47 -18.15 4.34 -6.48
CA ILE D 47 -19.43 4.45 -7.14
C ILE D 47 -19.75 3.14 -7.78
N TYR D 48 -21.01 2.70 -7.71
CA TYR D 48 -21.51 1.50 -8.37
C TYR D 48 -22.76 1.91 -9.11
N ASP D 49 -23.09 1.23 -10.21
CA ASP D 49 -24.26 1.55 -11.05
C ASP D 49 -24.27 3.02 -11.51
N ALA D 50 -23.11 3.49 -11.98
CA ALA D 50 -22.85 4.81 -12.52
C ALA D 50 -22.97 5.99 -11.60
N SER D 51 -23.89 5.96 -10.63
CA SER D 51 -24.17 7.09 -9.76
C SER D 51 -24.36 6.81 -8.27
N ASN D 52 -24.43 5.54 -7.86
CA ASN D 52 -24.65 5.22 -6.45
C ASN D 52 -23.35 5.17 -5.68
N ARG D 53 -23.26 5.97 -4.59
CA ARG D 53 -22.08 5.98 -3.72
C ARG D 53 -22.01 4.68 -2.90
N ALA D 54 -20.81 4.14 -2.70
CA ALA D 54 -20.64 2.94 -1.87
C ALA D 54 -20.65 3.37 -0.38
N THR D 55 -20.83 2.43 0.56
CA THR D 55 -20.84 2.71 2.02
C THR D 55 -19.59 3.45 2.46
N GLY D 56 -19.78 4.47 3.27
CA GLY D 56 -18.71 5.27 3.84
C GLY D 56 -17.96 6.15 2.87
N ILE D 57 -18.61 6.50 1.72
CA ILE D 57 -18.01 7.35 0.69
C ILE D 57 -18.59 8.77 0.77
N PRO D 58 -17.69 9.79 0.98
CA PRO D 58 -18.16 11.17 1.11
C PRO D 58 -18.99 11.67 -0.07
N ALA D 59 -19.90 12.63 0.18
CA ALA D 59 -20.77 13.23 -0.85
C ALA D 59 -19.97 13.89 -1.99
N ARG D 60 -18.75 14.38 -1.70
CA ARG D 60 -17.84 15.00 -2.67
C ARG D 60 -17.54 14.10 -3.90
N PHE D 61 -17.73 12.77 -3.75
CA PHE D 61 -17.58 11.80 -4.83
C PHE D 61 -18.95 11.54 -5.41
N SER D 62 -19.13 11.92 -6.68
CA SER D 62 -20.38 11.75 -7.40
C SER D 62 -20.12 11.14 -8.78
N GLY D 63 -20.94 10.17 -9.14
CA GLY D 63 -20.87 9.51 -10.43
C GLY D 63 -22.05 9.90 -11.31
N SER D 64 -21.83 9.87 -12.62
CA SER D 64 -22.82 10.25 -13.61
C SER D 64 -22.56 9.50 -14.94
N GLY D 65 -23.57 9.46 -15.79
CA GLY D 65 -23.46 8.85 -17.10
C GLY D 65 -24.21 7.55 -17.29
N SER D 66 -24.37 7.16 -18.57
CA SER D 66 -25.08 5.96 -19.04
C SER D 66 -24.52 5.54 -20.40
N GLY D 67 -24.80 4.30 -20.76
CA GLY D 67 -24.39 3.70 -22.02
C GLY D 67 -22.90 3.62 -22.21
N THR D 68 -22.29 4.70 -22.77
CA THR D 68 -20.86 4.77 -23.08
C THR D 68 -20.13 5.99 -22.49
N ASP D 69 -20.86 7.05 -22.09
CA ASP D 69 -20.22 8.24 -21.52
C ASP D 69 -20.45 8.36 -20.01
N PHE D 70 -19.39 8.18 -19.23
CA PHE D 70 -19.49 8.25 -17.78
C PHE D 70 -18.50 9.24 -17.18
N THR D 71 -18.88 9.85 -16.04
CA THR D 71 -18.05 10.83 -15.33
C THR D 71 -17.99 10.61 -13.82
N LEU D 72 -16.79 10.73 -13.25
CA LEU D 72 -16.55 10.71 -11.81
C LEU D 72 -16.18 12.13 -11.47
N THR D 73 -16.90 12.71 -10.53
CA THR D 73 -16.63 14.05 -10.06
C THR D 73 -16.17 14.02 -8.60
N ILE D 74 -15.00 14.60 -8.31
CA ILE D 74 -14.50 14.76 -6.96
C ILE D 74 -14.53 16.26 -6.70
N SER D 75 -15.65 16.75 -6.19
CA SER D 75 -15.78 18.17 -5.89
C SER D 75 -15.06 18.41 -4.56
N ASN D 76 -14.47 19.61 -4.36
CA ASN D 76 -13.75 19.98 -3.12
C ASN D 76 -12.65 18.99 -2.74
N LEU D 77 -11.66 18.88 -3.63
CA LEU D 77 -10.51 18.00 -3.48
C LEU D 77 -9.80 18.17 -2.16
N GLU D 78 -9.41 17.04 -1.58
CA GLU D 78 -8.69 16.97 -0.31
C GLU D 78 -7.36 16.28 -0.55
N PRO D 79 -6.26 16.70 0.12
CA PRO D 79 -4.94 16.08 -0.16
C PRO D 79 -4.91 14.55 -0.19
N GLU D 80 -5.69 13.91 0.70
CA GLU D 80 -5.82 12.45 0.78
C GLU D 80 -6.44 11.82 -0.48
N ASP D 81 -7.06 12.64 -1.38
CA ASP D 81 -7.70 12.20 -2.60
C ASP D 81 -6.76 11.84 -3.71
N PHE D 82 -5.44 12.09 -3.54
CA PHE D 82 -4.48 11.69 -4.53
C PHE D 82 -4.46 10.17 -4.58
N ALA D 83 -4.77 9.64 -5.78
CA ALA D 83 -4.84 8.22 -6.10
C ALA D 83 -4.96 8.09 -7.60
N VAL D 84 -4.89 6.88 -8.09
CA VAL D 84 -5.19 6.54 -9.47
C VAL D 84 -6.65 5.98 -9.36
N TYR D 85 -7.59 6.55 -10.15
CA TYR D 85 -9.01 6.16 -10.18
C TYR D 85 -9.33 5.30 -11.36
N TYR D 86 -10.02 4.19 -11.13
CA TYR D 86 -10.36 3.25 -12.20
C TYR D 86 -11.84 3.11 -12.40
N CYS D 87 -12.27 2.95 -13.64
CA CYS D 87 -13.67 2.65 -13.90
C CYS D 87 -13.73 1.18 -14.24
N GLN D 88 -14.81 0.54 -13.81
CA GLN D 88 -15.06 -0.88 -14.05
C GLN D 88 -16.51 -1.03 -14.57
N GLN D 89 -16.67 -1.94 -15.51
CA GLN D 89 -17.93 -2.27 -16.20
C GLN D 89 -18.31 -3.73 -15.82
N ARG D 90 -19.60 -3.98 -15.53
CA ARG D 90 -20.01 -5.36 -15.23
C ARG D 90 -21.12 -5.92 -16.16
N SER D 91 -21.41 -5.15 -17.24
CA SER D 91 -22.39 -5.48 -18.30
C SER D 91 -22.02 -6.79 -19.01
N ASP D 92 -20.80 -6.84 -19.55
CA ASP D 92 -20.22 -7.96 -20.26
C ASP D 92 -18.95 -8.31 -19.48
N TRP D 93 -19.01 -9.44 -18.74
CA TRP D 93 -17.93 -9.93 -17.86
C TRP D 93 -17.41 -8.78 -16.96
N VAL D 94 -16.10 -8.58 -16.85
CA VAL D 94 -15.52 -7.54 -16.01
C VAL D 94 -14.34 -6.96 -16.76
N THR D 95 -14.36 -5.64 -17.00
CA THR D 95 -13.21 -4.90 -17.54
C THR D 95 -13.08 -3.56 -16.83
N PHE D 96 -11.81 -3.10 -16.64
CA PHE D 96 -11.40 -1.84 -16.01
C PHE D 96 -10.68 -0.94 -17.02
N GLY D 97 -10.74 0.38 -16.80
CA GLY D 97 -10.01 1.35 -17.61
C GLY D 97 -8.54 1.38 -17.21
N GLY D 98 -7.77 2.26 -17.86
CA GLY D 98 -6.33 2.39 -17.60
C GLY D 98 -5.93 3.25 -16.42
N GLY D 99 -6.90 3.94 -15.83
CA GLY D 99 -6.68 4.82 -14.70
C GLY D 99 -6.45 6.27 -15.07
N THR D 100 -6.75 7.15 -14.12
CA THR D 100 -6.50 8.59 -14.17
C THR D 100 -5.77 8.88 -12.87
N LYS D 101 -4.52 9.34 -12.95
CA LYS D 101 -3.76 9.71 -11.76
C LYS D 101 -4.16 11.13 -11.35
N VAL D 102 -4.70 11.29 -10.15
CA VAL D 102 -5.08 12.60 -9.65
C VAL D 102 -3.96 13.06 -8.70
N GLU D 103 -3.22 14.10 -9.10
CA GLU D 103 -2.15 14.69 -8.31
C GLU D 103 -2.70 15.92 -7.61
N ILE D 104 -2.22 16.20 -6.38
CA ILE D 104 -2.64 17.37 -5.57
C ILE D 104 -1.42 18.31 -5.33
N LYS D 105 -1.68 19.65 -5.15
CA LYS D 105 -0.67 20.70 -4.95
C LYS D 105 -1.09 21.65 -3.82
#